data_3HTT
#
_entry.id   3HTT
#
_cell.length_a   198.532
_cell.length_b   198.532
_cell.length_c   198.532
_cell.angle_alpha   90.00
_cell.angle_beta   90.00
_cell.angle_gamma   90.00
#
_symmetry.space_group_name_H-M   'I 2 3'
#
loop_
_entity.id
_entity.type
_entity.pdbx_description
1 polymer Hemagglutinin
2 polymer 'Hemagglutinin HA2 chain'
3 branched 2-acetamido-2-deoxy-alpha-D-glucopyranose-(1-4)-2-acetamido-2-deoxy-beta-D-glucopyranose
4 branched 'N-acetyl-alpha-neuraminic acid-(2-3)-beta-D-galactopyranose-(1-4)-alpha-D-glucopyranose'
5 non-polymer 2-acetamido-2-deoxy-beta-D-glucopyranose
6 water water
#
loop_
_entity_poly.entity_id
_entity_poly.type
_entity_poly.pdbx_seq_one_letter_code
_entity_poly.pdbx_strand_id
1 'polypeptide(L)'
;DTICIGYHANNSTDTVDTVLEKNVTVTHSVNLLEDNHNGKLCKLNGIAPLQLGKCNVAGWLLGNPECDLLLTANSWSYII
ETSNSENGTCYPGEFIDYEELREQLSSVSSFERFEIFPKASSWPNHETTKGVTAACSYFGASSFYRNLLWITKKGTSYPK
LSKSYTNNKGKEVLVLWGVHHPPTTSEQQTLYQNTDAYVSVGSSKYNRRFTPEIAARPKVRGQAGRMNYYWTLLDQGDTI
TFEATGNLIAPWYAFALNKGSDSGIITSDAPVHNCDTKCQTPHGAINSTLPFQNVHPITIGECPKYVKSTKLRMATGLRN
IPSI
;
A
2 'polypeptide(L)'
;GLFGAMAGFIEGGWTGMIDGWYGYHHQNEQGSGYAADQKSTQNAIDGITNKVNSIIEKMNTQFTAVGKEFNNLERRIENL
NKKVDDGFLDVWTYNAELLVLLENERTLDFHDSNVRNLYEKVKSQLRNNAKEIGNGCFEFYHKCDDECMESVKNGTYDYP
;
B
#
# COMPACT_ATOMS: atom_id res chain seq x y z
N ASP A 1 5.93 -49.45 38.46
CA ASP A 1 5.23 -48.15 38.31
C ASP A 1 6.17 -46.99 37.97
N THR A 2 5.81 -46.22 36.95
CA THR A 2 6.63 -45.09 36.55
C THR A 2 5.82 -43.90 36.04
N ILE A 3 6.46 -42.74 36.02
CA ILE A 3 5.82 -41.55 35.52
C ILE A 3 6.89 -40.75 34.81
N CYS A 4 6.61 -40.35 33.58
CA CYS A 4 7.56 -39.57 32.81
C CYS A 4 6.97 -38.22 32.46
N ILE A 5 7.80 -37.19 32.51
CA ILE A 5 7.31 -35.89 32.14
C ILE A 5 7.95 -35.64 30.77
N GLY A 6 7.14 -35.21 29.81
CA GLY A 6 7.65 -34.98 28.47
C GLY A 6 6.94 -33.87 27.73
N TYR A 7 7.12 -33.82 26.41
CA TYR A 7 6.51 -32.78 25.59
C TYR A 7 5.84 -33.28 24.33
N HIS A 8 4.95 -32.43 23.81
CA HIS A 8 4.14 -32.69 22.61
C HIS A 8 4.90 -32.88 21.30
N ALA A 9 4.26 -33.57 20.36
CA ALA A 9 4.80 -33.81 19.03
C ALA A 9 3.64 -34.16 18.10
N ASN A 10 3.76 -33.82 16.81
CA ASN A 10 2.70 -34.12 15.86
C ASN A 10 3.20 -34.29 14.44
N ASN A 11 2.27 -34.26 13.49
CA ASN A 11 2.60 -34.44 12.08
C ASN A 11 3.04 -33.17 11.37
N SER A 12 3.17 -32.08 12.11
CA SER A 12 3.59 -30.82 11.53
C SER A 12 4.92 -30.89 10.79
N THR A 13 5.04 -30.12 9.72
CA THR A 13 6.27 -30.06 8.93
C THR A 13 6.71 -28.63 8.73
N ASP A 14 6.02 -27.69 9.39
CA ASP A 14 6.37 -26.28 9.30
C ASP A 14 7.78 -26.18 9.85
N THR A 15 8.61 -25.34 9.24
CA THR A 15 9.97 -25.16 9.73
C THR A 15 10.24 -23.68 9.91
N VAL A 16 11.02 -23.34 10.93
CA VAL A 16 11.38 -21.96 11.21
C VAL A 16 12.89 -21.94 11.34
N ASP A 17 13.46 -20.74 11.22
CA ASP A 17 14.90 -20.56 11.35
C ASP A 17 15.17 -19.88 12.68
N THR A 18 16.30 -20.21 13.29
CA THR A 18 16.69 -19.62 14.56
C THR A 18 18.11 -19.07 14.44
N VAL A 19 18.54 -18.34 15.46
CA VAL A 19 19.87 -17.78 15.44
C VAL A 19 20.95 -18.86 15.27
N LEU A 20 20.72 -20.01 15.87
CA LEU A 20 21.67 -21.11 15.84
C LEU A 20 21.42 -22.21 14.80
N GLU A 21 20.18 -22.45 14.45
CA GLU A 21 19.86 -23.50 13.49
C GLU A 21 18.94 -23.10 12.38
N LYS A 22 19.25 -23.58 11.18
CA LYS A 22 18.43 -23.32 10.01
C LYS A 22 17.38 -24.42 9.96
N ASN A 23 16.22 -24.12 9.37
CA ASN A 23 15.16 -25.11 9.24
C ASN A 23 15.01 -26.06 10.41
N VAL A 24 14.22 -25.65 11.40
CA VAL A 24 13.94 -26.47 12.56
C VAL A 24 12.46 -26.79 12.47
N THR A 25 12.10 -28.08 12.47
CA THR A 25 10.70 -28.44 12.40
C THR A 25 10.04 -28.12 13.73
N VAL A 26 8.87 -27.51 13.66
CA VAL A 26 8.15 -27.08 14.83
C VAL A 26 6.74 -27.64 14.85
N THR A 27 6.17 -27.82 16.03
CA THR A 27 4.81 -28.37 16.13
C THR A 27 3.75 -27.37 15.70
N HIS A 28 4.00 -26.10 15.97
CA HIS A 28 3.07 -25.02 15.64
C HIS A 28 3.82 -23.73 15.31
N SER A 29 3.46 -23.10 14.20
CA SER A 29 4.09 -21.85 13.81
C SER A 29 3.04 -20.84 13.36
N VAL A 30 3.48 -19.61 13.14
CA VAL A 30 2.60 -18.54 12.71
C VAL A 30 3.37 -17.70 11.70
N ASN A 31 2.70 -17.28 10.63
CA ASN A 31 3.37 -16.48 9.64
C ASN A 31 3.18 -14.99 9.90
N LEU A 32 4.26 -14.24 9.78
CA LEU A 32 4.24 -12.81 10.00
C LEU A 32 4.45 -12.04 8.69
N LEU A 33 4.62 -12.78 7.60
CA LEU A 33 4.87 -12.17 6.30
C LEU A 33 3.71 -12.37 5.35
N GLU A 34 2.97 -11.30 5.05
CA GLU A 34 1.85 -11.41 4.13
C GLU A 34 2.40 -11.40 2.71
N ASP A 35 2.20 -12.50 1.98
CA ASP A 35 2.68 -12.57 0.61
C ASP A 35 1.65 -13.06 -0.41
N ASN A 36 0.39 -12.77 -0.14
CA ASN A 36 -0.69 -13.17 -1.04
C ASN A 36 -1.53 -11.94 -1.30
N HIS A 37 -2.27 -11.95 -2.41
CA HIS A 37 -3.15 -10.83 -2.76
C HIS A 37 -4.28 -11.34 -3.65
N ASN A 38 -5.40 -10.63 -3.65
CA ASN A 38 -6.55 -11.05 -4.45
C ASN A 38 -6.46 -10.70 -5.94
N GLY A 39 -5.29 -10.28 -6.40
CA GLY A 39 -5.11 -9.92 -7.80
C GLY A 39 -6.22 -9.05 -8.37
N LYS A 40 -6.74 -8.16 -7.53
CA LYS A 40 -7.81 -7.26 -7.93
C LYS A 40 -7.58 -5.85 -7.38
N LEU A 41 -8.13 -4.86 -8.06
CA LEU A 41 -8.01 -3.48 -7.60
C LEU A 41 -9.28 -3.16 -6.84
N CYS A 42 -9.17 -3.04 -5.52
CA CYS A 42 -10.33 -2.78 -4.68
C CYS A 42 -10.62 -1.34 -4.33
N LYS A 43 -11.50 -1.17 -3.35
CA LYS A 43 -11.90 0.14 -2.84
C LYS A 43 -11.03 0.38 -1.63
N LEU A 44 -10.46 1.57 -1.52
CA LEU A 44 -9.60 1.88 -0.40
C LEU A 44 -10.44 2.55 0.68
N ASN A 45 -10.77 1.78 1.71
CA ASN A 45 -11.58 2.26 2.82
C ASN A 45 -13.02 2.53 2.41
N GLY A 46 -13.55 1.65 1.57
CA GLY A 46 -14.92 1.76 1.12
C GLY A 46 -15.20 2.87 0.12
N ILE A 47 -14.24 3.15 -0.76
CA ILE A 47 -14.42 4.20 -1.78
C ILE A 47 -13.69 3.86 -3.08
N ALA A 48 -14.44 3.32 -4.05
CA ALA A 48 -13.88 2.92 -5.33
C ALA A 48 -12.88 3.93 -5.91
N PRO A 49 -11.91 3.43 -6.70
CA PRO A 49 -10.91 4.31 -7.31
C PRO A 49 -11.47 4.91 -8.60
N LEU A 50 -10.62 5.59 -9.35
CA LEU A 50 -11.03 6.19 -10.62
C LEU A 50 -10.26 5.52 -11.77
N GLN A 51 -10.99 4.87 -12.67
CA GLN A 51 -10.37 4.19 -13.81
C GLN A 51 -10.27 5.13 -14.99
N LEU A 52 -9.08 5.26 -15.56
CA LEU A 52 -8.89 6.13 -16.71
C LEU A 52 -8.75 5.30 -17.99
N GLY A 53 -8.34 4.05 -17.83
CA GLY A 53 -8.21 3.15 -18.96
C GLY A 53 -7.18 3.58 -19.99
N LYS A 54 -7.65 3.94 -21.18
CA LYS A 54 -6.79 4.37 -22.27
C LYS A 54 -6.26 5.77 -22.01
N CYS A 55 -7.00 6.52 -21.20
CA CYS A 55 -6.63 7.88 -20.86
C CYS A 55 -5.73 7.97 -19.64
N ASN A 56 -4.89 9.00 -19.61
CA ASN A 56 -4.02 9.20 -18.46
C ASN A 56 -4.61 10.42 -17.77
N VAL A 57 -4.01 10.88 -16.67
CA VAL A 57 -4.57 12.03 -15.96
C VAL A 57 -4.70 13.28 -16.80
N ALA A 58 -3.67 13.61 -17.58
CA ALA A 58 -3.71 14.80 -18.41
C ALA A 58 -4.87 14.78 -19.40
N GLY A 59 -5.08 13.62 -20.05
CA GLY A 59 -6.17 13.48 -21.00
C GLY A 59 -7.52 13.59 -20.32
N TRP A 60 -7.61 13.08 -19.11
CA TRP A 60 -8.86 13.13 -18.37
C TRP A 60 -9.23 14.55 -17.98
N LEU A 61 -8.28 15.29 -17.41
CA LEU A 61 -8.54 16.66 -16.99
C LEU A 61 -8.71 17.66 -18.12
N LEU A 62 -7.85 17.57 -19.12
CA LEU A 62 -7.93 18.47 -20.27
C LEU A 62 -9.21 18.22 -21.06
N GLY A 63 -9.59 16.96 -21.20
CA GLY A 63 -10.81 16.65 -21.95
C GLY A 63 -10.53 16.01 -23.29
N ASN A 64 -9.42 15.28 -23.38
CA ASN A 64 -9.05 14.59 -24.61
C ASN A 64 -10.29 13.88 -25.13
N PRO A 65 -10.57 14.00 -26.45
CA PRO A 65 -11.74 13.38 -27.09
C PRO A 65 -11.90 11.87 -26.89
N GLU A 66 -10.84 11.20 -26.43
CA GLU A 66 -10.86 9.77 -26.20
C GLU A 66 -11.23 9.43 -24.76
N CYS A 67 -11.51 10.44 -23.95
CA CYS A 67 -11.84 10.22 -22.55
C CYS A 67 -13.25 10.67 -22.22
N ASP A 68 -14.13 10.64 -23.23
CA ASP A 68 -15.52 11.06 -23.05
C ASP A 68 -16.24 10.27 -21.96
N LEU A 69 -15.79 9.05 -21.72
CA LEU A 69 -16.40 8.20 -20.71
C LEU A 69 -16.04 8.68 -19.29
N LEU A 70 -14.98 9.50 -19.20
CA LEU A 70 -14.50 10.02 -17.92
C LEU A 70 -15.08 11.39 -17.53
N LEU A 71 -16.03 11.89 -18.30
CA LEU A 71 -16.64 13.19 -18.02
C LEU A 71 -17.58 13.20 -16.80
N THR A 72 -17.83 12.03 -16.23
CA THR A 72 -18.74 11.89 -15.09
C THR A 72 -18.02 11.51 -13.80
N ALA A 73 -16.71 11.39 -13.85
CA ALA A 73 -15.91 11.03 -12.68
C ALA A 73 -16.51 11.53 -11.37
N ASN A 74 -16.48 10.70 -10.32
CA ASN A 74 -17.02 11.13 -9.04
C ASN A 74 -16.53 10.41 -7.77
N SER A 75 -15.91 11.19 -6.88
CA SER A 75 -15.38 10.74 -5.59
C SER A 75 -13.99 10.12 -5.65
N TRP A 76 -13.90 8.80 -5.74
CA TRP A 76 -12.62 8.07 -5.81
C TRP A 76 -11.58 8.32 -4.69
N SER A 77 -10.94 7.23 -4.23
CA SER A 77 -9.93 7.28 -3.17
C SER A 77 -8.50 7.23 -3.70
N TYR A 78 -8.37 6.79 -4.96
CA TYR A 78 -7.07 6.71 -5.61
C TYR A 78 -7.33 6.54 -7.10
N ILE A 79 -6.36 6.92 -7.91
CA ILE A 79 -6.51 6.86 -9.37
C ILE A 79 -5.79 5.68 -10.01
N ILE A 80 -6.41 5.09 -11.02
CA ILE A 80 -5.84 3.96 -11.73
C ILE A 80 -5.48 4.22 -13.19
N GLU A 81 -4.20 4.10 -13.53
CA GLU A 81 -3.76 4.26 -14.90
C GLU A 81 -3.35 2.87 -15.36
N THR A 82 -3.57 2.60 -16.64
CA THR A 82 -3.29 1.31 -17.24
C THR A 82 -2.06 1.37 -18.12
N SER A 83 -1.58 0.19 -18.53
CA SER A 83 -0.43 0.14 -19.41
C SER A 83 -0.90 0.69 -20.76
N ASN A 84 -2.19 1.00 -20.84
CA ASN A 84 -2.77 1.54 -22.05
C ASN A 84 -3.21 3.00 -21.87
N SER A 85 -2.74 3.64 -20.79
CA SER A 85 -3.09 5.04 -20.53
C SER A 85 -2.09 5.91 -21.28
N GLU A 86 -2.34 6.10 -22.57
CA GLU A 86 -1.45 6.90 -23.40
C GLU A 86 -2.17 8.07 -24.03
N ASN A 87 -3.46 8.18 -23.77
CA ASN A 87 -4.24 9.27 -24.32
C ASN A 87 -4.36 10.46 -23.38
N GLY A 88 -3.46 11.41 -23.55
CA GLY A 88 -3.45 12.59 -22.72
C GLY A 88 -3.49 13.88 -23.51
N THR A 89 -2.35 14.55 -23.64
CA THR A 89 -2.28 15.79 -24.38
C THR A 89 -2.12 15.52 -25.86
N CYS A 90 -3.23 15.22 -26.54
CA CYS A 90 -3.19 14.93 -27.98
C CYS A 90 -2.45 16.02 -28.74
N TYR A 91 -2.62 17.27 -28.33
CA TYR A 91 -1.91 18.36 -28.98
C TYR A 91 -0.62 18.55 -28.20
N PRO A 92 0.54 18.37 -28.85
CA PRO A 92 1.88 18.51 -28.25
C PRO A 92 2.16 19.75 -27.40
N GLY A 93 2.81 19.51 -26.27
CA GLY A 93 3.13 20.61 -25.37
C GLY A 93 3.50 20.12 -23.98
N GLU A 94 3.91 21.06 -23.14
CA GLU A 94 4.32 20.76 -21.78
C GLU A 94 3.22 21.03 -20.73
N PHE A 95 2.89 19.99 -19.95
CA PHE A 95 1.87 20.14 -18.89
C PHE A 95 2.61 20.64 -17.64
N ILE A 96 2.59 21.94 -17.43
CA ILE A 96 3.31 22.53 -16.29
C ILE A 96 2.90 21.97 -14.94
N ASP A 97 3.90 21.62 -14.14
CA ASP A 97 3.67 21.07 -12.82
C ASP A 97 2.69 19.90 -12.84
N TYR A 98 2.84 19.05 -13.86
CA TYR A 98 1.97 17.91 -14.03
C TYR A 98 2.02 16.92 -12.86
N GLU A 99 3.22 16.45 -12.51
CA GLU A 99 3.39 15.51 -11.42
C GLU A 99 2.70 16.05 -10.18
N GLU A 100 3.01 17.31 -9.86
CA GLU A 100 2.45 17.99 -8.71
C GLU A 100 0.91 17.91 -8.71
N LEU A 101 0.31 18.12 -9.88
CA LEU A 101 -1.14 18.06 -9.98
C LEU A 101 -1.62 16.64 -9.76
N ARG A 102 -0.95 15.67 -10.38
CA ARG A 102 -1.33 14.27 -10.23
C ARG A 102 -1.36 13.94 -8.75
N GLU A 103 -0.31 14.34 -8.05
CA GLU A 103 -0.18 14.11 -6.62
C GLU A 103 -1.35 14.73 -5.84
N GLN A 104 -1.63 16.01 -6.08
CA GLN A 104 -2.70 16.71 -5.39
C GLN A 104 -4.13 16.18 -5.63
N LEU A 105 -4.38 15.61 -6.80
CA LEU A 105 -5.71 15.10 -7.12
C LEU A 105 -5.85 13.61 -6.87
N SER A 106 -4.83 13.00 -6.28
CA SER A 106 -4.85 11.57 -6.02
C SER A 106 -6.11 11.15 -5.28
N SER A 107 -6.58 12.01 -4.39
CA SER A 107 -7.77 11.73 -3.60
C SER A 107 -8.72 12.93 -3.63
N VAL A 108 -10.01 12.67 -3.80
CA VAL A 108 -10.99 13.74 -3.85
C VAL A 108 -12.32 13.25 -3.28
N SER A 109 -12.89 14.04 -2.37
CA SER A 109 -14.17 13.73 -1.73
C SER A 109 -15.34 14.00 -2.69
N SER A 110 -15.50 15.26 -3.07
CA SER A 110 -16.54 15.66 -4.02
C SER A 110 -15.79 16.25 -5.21
N PHE A 111 -16.36 16.15 -6.40
CA PHE A 111 -15.72 16.65 -7.60
C PHE A 111 -16.80 16.89 -8.66
N GLU A 112 -17.05 18.16 -8.96
CA GLU A 112 -18.07 18.51 -9.94
C GLU A 112 -17.50 19.29 -11.12
N ARG A 113 -17.82 18.86 -12.34
CA ARG A 113 -17.35 19.51 -13.55
C ARG A 113 -18.41 20.51 -14.01
N PHE A 114 -18.06 21.79 -14.03
CA PHE A 114 -19.00 22.82 -14.46
C PHE A 114 -18.45 23.70 -15.57
N GLU A 115 -19.35 24.41 -16.27
CA GLU A 115 -18.95 25.29 -17.36
C GLU A 115 -18.55 26.64 -16.75
N ILE A 116 -17.26 26.92 -16.64
CA ILE A 116 -16.80 28.17 -16.04
C ILE A 116 -16.90 29.36 -16.99
N PHE A 117 -16.57 29.11 -18.25
CA PHE A 117 -16.60 30.13 -19.29
C PHE A 117 -17.34 29.54 -20.48
N PRO A 118 -18.67 29.67 -20.50
CA PRO A 118 -19.52 29.15 -21.58
C PRO A 118 -19.08 29.49 -23.00
N LYS A 119 -18.81 28.46 -23.79
CA LYS A 119 -18.39 28.65 -25.17
C LYS A 119 -19.36 29.57 -25.90
N ALA A 120 -20.65 29.27 -25.75
CA ALA A 120 -21.72 30.05 -26.37
C ALA A 120 -21.77 31.44 -25.75
N SER A 121 -21.40 32.45 -26.51
CA SER A 121 -21.42 33.82 -26.00
C SER A 121 -20.69 33.91 -24.66
N SER A 122 -19.40 34.23 -24.74
CA SER A 122 -18.51 34.38 -23.59
C SER A 122 -17.32 35.14 -24.16
N TRP A 123 -17.08 34.90 -25.45
CA TRP A 123 -16.01 35.55 -26.18
C TRP A 123 -16.58 36.15 -27.47
N PRO A 124 -17.69 36.90 -27.38
CA PRO A 124 -18.20 37.47 -28.64
C PRO A 124 -17.07 38.25 -29.30
N ASN A 125 -17.25 38.62 -30.56
CA ASN A 125 -16.23 39.34 -31.31
C ASN A 125 -14.88 38.61 -31.22
N HIS A 126 -14.97 37.27 -31.30
CA HIS A 126 -13.83 36.37 -31.24
C HIS A 126 -14.26 35.03 -31.85
N GLU A 127 -13.36 34.39 -32.60
CA GLU A 127 -13.70 33.12 -33.22
C GLU A 127 -13.52 31.95 -32.26
N THR A 128 -14.63 31.32 -31.90
CA THR A 128 -14.61 30.21 -30.97
C THR A 128 -15.10 28.92 -31.62
N THR A 129 -15.14 28.89 -32.95
CA THR A 129 -15.63 27.71 -33.64
C THR A 129 -14.61 27.02 -34.53
N LYS A 130 -13.37 27.51 -34.53
CA LYS A 130 -12.33 26.93 -35.35
C LYS A 130 -11.29 26.20 -34.51
N GLY A 131 -11.38 26.38 -33.18
CA GLY A 131 -10.44 25.73 -32.27
C GLY A 131 -10.50 24.23 -32.35
N VAL A 132 -9.95 23.68 -33.42
CA VAL A 132 -9.94 22.24 -33.63
C VAL A 132 -8.65 21.82 -34.32
N THR A 133 -8.21 20.59 -34.05
CA THR A 133 -6.97 20.08 -34.61
C THR A 133 -7.06 18.61 -34.99
N ALA A 134 -6.16 18.19 -35.88
CA ALA A 134 -6.10 16.80 -36.34
C ALA A 134 -5.43 15.91 -35.32
N ALA A 135 -4.64 16.52 -34.44
CA ALA A 135 -3.96 15.75 -33.40
C ALA A 135 -5.02 15.25 -32.42
N CYS A 136 -6.02 16.09 -32.14
CA CYS A 136 -7.07 15.72 -31.21
C CYS A 136 -8.32 15.31 -31.95
N SER A 137 -8.14 14.45 -32.94
CA SER A 137 -9.25 13.98 -33.76
C SER A 137 -10.21 13.01 -33.08
N TYR A 138 -11.49 13.32 -33.18
CA TYR A 138 -12.56 12.51 -32.59
C TYR A 138 -13.33 11.78 -33.69
N PHE A 139 -13.15 10.46 -33.74
CA PHE A 139 -13.82 9.64 -34.74
C PHE A 139 -13.52 10.16 -36.14
N GLY A 140 -12.26 10.05 -36.55
CA GLY A 140 -11.86 10.50 -37.87
C GLY A 140 -11.84 12.01 -38.06
N ALA A 141 -12.79 12.70 -37.44
CA ALA A 141 -12.88 14.15 -37.56
C ALA A 141 -11.89 14.90 -36.67
N SER A 142 -11.59 16.14 -37.03
CA SER A 142 -10.69 16.96 -36.25
C SER A 142 -11.49 17.51 -35.07
N SER A 143 -10.89 17.50 -33.89
CA SER A 143 -11.58 17.99 -32.70
C SER A 143 -10.63 18.72 -31.76
N PHE A 144 -10.98 18.71 -30.47
CA PHE A 144 -10.18 19.38 -29.46
C PHE A 144 -10.62 18.95 -28.06
N TYR A 145 -9.83 19.30 -27.05
CA TYR A 145 -10.15 18.96 -25.67
C TYR A 145 -11.56 19.45 -25.39
N ARG A 146 -12.22 18.82 -24.43
CA ARG A 146 -13.59 19.19 -24.11
C ARG A 146 -13.71 20.19 -22.97
N ASN A 147 -12.62 20.47 -22.28
CA ASN A 147 -12.67 21.41 -21.16
C ASN A 147 -11.96 22.71 -21.44
N LEU A 148 -11.32 22.81 -22.59
CA LEU A 148 -10.63 24.04 -22.99
C LEU A 148 -11.24 24.51 -24.31
N LEU A 149 -11.13 25.80 -24.60
CA LEU A 149 -11.68 26.32 -25.83
C LEU A 149 -10.60 27.09 -26.59
N TRP A 150 -10.36 26.71 -27.83
CA TRP A 150 -9.33 27.35 -28.65
C TRP A 150 -9.84 28.61 -29.35
N ILE A 151 -9.73 29.73 -28.67
CA ILE A 151 -10.16 31.01 -29.20
C ILE A 151 -9.17 31.51 -30.23
N THR A 152 -9.68 31.87 -31.41
CA THR A 152 -8.83 32.38 -32.48
C THR A 152 -9.39 33.66 -33.06
N LYS A 153 -8.49 34.48 -33.60
CA LYS A 153 -8.81 35.78 -34.21
C LYS A 153 -10.10 35.81 -35.06
N LYS A 154 -10.89 36.86 -34.84
CA LYS A 154 -12.16 37.07 -35.55
C LYS A 154 -11.98 37.95 -36.79
N GLY A 155 -12.30 37.38 -37.96
CA GLY A 155 -12.13 38.11 -39.20
C GLY A 155 -10.65 38.36 -39.43
N THR A 156 -10.18 39.56 -39.07
CA THR A 156 -8.77 39.91 -39.22
C THR A 156 -8.38 40.81 -38.07
N SER A 157 -9.13 40.71 -36.99
CA SER A 157 -8.85 41.51 -35.80
C SER A 157 -9.00 40.65 -34.56
N TYR A 158 -8.02 40.72 -33.67
CA TYR A 158 -8.07 39.94 -32.44
C TYR A 158 -8.04 40.93 -31.30
N PRO A 159 -9.20 41.47 -30.93
CA PRO A 159 -9.31 42.45 -29.85
C PRO A 159 -8.97 41.85 -28.49
N LYS A 160 -8.39 42.66 -27.62
CA LYS A 160 -8.01 42.20 -26.28
C LYS A 160 -9.24 41.73 -25.49
N LEU A 161 -9.23 40.46 -25.12
CA LEU A 161 -10.34 39.91 -24.35
C LEU A 161 -10.05 39.96 -22.86
N SER A 162 -11.11 39.95 -22.08
CA SER A 162 -10.99 39.98 -20.63
C SER A 162 -12.19 39.24 -20.04
N LYS A 163 -11.95 38.40 -19.03
CA LYS A 163 -12.98 37.61 -18.38
C LYS A 163 -12.53 37.14 -17.01
N SER A 164 -13.41 37.27 -16.03
CA SER A 164 -13.11 36.87 -14.67
C SER A 164 -14.12 35.85 -14.17
N TYR A 165 -13.75 35.14 -13.10
CA TYR A 165 -14.62 34.14 -12.49
C TYR A 165 -14.37 34.15 -11.00
N THR A 166 -15.42 34.19 -10.19
CA THR A 166 -15.24 34.14 -8.74
C THR A 166 -15.74 32.82 -8.22
N ASN A 167 -14.93 32.21 -7.37
CA ASN A 167 -15.26 30.92 -6.81
C ASN A 167 -16.35 31.08 -5.77
N ASN A 168 -17.59 30.76 -6.14
CA ASN A 168 -18.71 30.83 -5.22
C ASN A 168 -19.25 29.41 -5.02
N LYS A 169 -18.46 28.43 -5.42
CA LYS A 169 -18.83 27.03 -5.29
C LYS A 169 -18.70 26.53 -3.85
N GLY A 170 -18.10 27.35 -2.99
CA GLY A 170 -17.93 26.97 -1.60
C GLY A 170 -16.92 25.85 -1.43
N LYS A 171 -15.90 25.82 -2.29
CA LYS A 171 -14.86 24.81 -2.23
C LYS A 171 -13.82 25.11 -3.32
N GLU A 172 -12.62 24.56 -3.20
CA GLU A 172 -11.57 24.80 -4.18
C GLU A 172 -12.09 24.50 -5.59
N VAL A 173 -11.61 25.28 -6.56
CA VAL A 173 -11.96 25.07 -7.96
C VAL A 173 -10.69 24.91 -8.78
N LEU A 174 -10.58 23.80 -9.51
CA LEU A 174 -9.42 23.54 -10.35
C LEU A 174 -9.67 24.21 -11.70
N VAL A 175 -8.86 25.18 -12.05
CA VAL A 175 -9.01 25.91 -13.32
C VAL A 175 -7.86 25.58 -14.25
N LEU A 176 -8.14 24.89 -15.34
CA LEU A 176 -7.10 24.52 -16.30
C LEU A 176 -7.16 25.42 -17.52
N TRP A 177 -6.00 25.67 -18.12
CA TRP A 177 -5.94 26.50 -19.31
C TRP A 177 -4.65 26.24 -20.04
N GLY A 178 -4.51 26.81 -21.23
CA GLY A 178 -3.29 26.63 -21.99
C GLY A 178 -2.91 27.87 -22.76
N VAL A 179 -1.69 27.85 -23.29
CA VAL A 179 -1.19 28.96 -24.08
C VAL A 179 -0.60 28.30 -25.31
N HIS A 180 -1.04 28.73 -26.49
CA HIS A 180 -0.55 28.15 -27.71
C HIS A 180 0.72 28.86 -28.20
N HIS A 181 1.65 28.07 -28.70
CA HIS A 181 2.92 28.60 -29.20
C HIS A 181 3.13 28.20 -30.64
N PRO A 182 2.90 29.13 -31.58
CA PRO A 182 3.08 28.82 -33.00
C PRO A 182 4.55 28.54 -33.28
N PRO A 183 4.83 27.78 -34.35
CA PRO A 183 6.22 27.45 -34.72
C PRO A 183 6.91 28.65 -35.36
N THR A 184 6.12 29.50 -36.00
CA THR A 184 6.64 30.68 -36.69
C THR A 184 5.85 31.95 -36.34
N THR A 185 6.53 33.09 -36.33
CA THR A 185 5.85 34.35 -36.03
C THR A 185 4.95 34.72 -37.21
N SER A 186 4.93 33.87 -38.23
CA SER A 186 4.08 34.09 -39.39
C SER A 186 2.70 33.57 -39.05
N GLU A 187 2.66 32.48 -38.29
CA GLU A 187 1.41 31.85 -37.88
C GLU A 187 0.81 32.61 -36.69
N GLN A 188 1.68 33.13 -35.85
CA GLN A 188 1.26 33.90 -34.69
C GLN A 188 0.30 34.99 -35.15
N GLN A 189 0.49 35.46 -36.38
CA GLN A 189 -0.34 36.53 -36.91
C GLN A 189 -1.55 36.04 -37.71
N THR A 190 -1.39 34.95 -38.45
CA THR A 190 -2.51 34.45 -39.22
C THR A 190 -3.56 33.81 -38.31
N LEU A 191 -3.22 33.69 -37.03
CA LEU A 191 -4.12 33.09 -36.05
C LEU A 191 -4.61 34.05 -34.97
N TYR A 192 -3.70 34.87 -34.45
CA TYR A 192 -4.02 35.81 -33.40
C TYR A 192 -3.74 37.26 -33.77
N GLN A 193 -3.38 37.49 -35.03
CA GLN A 193 -3.09 38.83 -35.51
C GLN A 193 -1.91 39.49 -34.81
N ASN A 194 -2.13 39.95 -33.59
CA ASN A 194 -1.09 40.62 -32.81
C ASN A 194 0.19 39.81 -32.66
N THR A 195 1.25 40.25 -33.33
CA THR A 195 2.52 39.55 -33.24
C THR A 195 3.31 40.12 -32.08
N ASP A 196 2.67 40.14 -30.93
CA ASP A 196 3.28 40.64 -29.69
C ASP A 196 2.26 40.40 -28.59
N ALA A 197 1.35 39.46 -28.88
CA ALA A 197 0.30 39.07 -27.96
C ALA A 197 0.84 38.62 -26.61
N TYR A 198 -0.06 38.53 -25.65
CA TYR A 198 0.30 38.11 -24.31
C TYR A 198 -0.96 37.53 -23.68
N VAL A 199 -0.78 36.70 -22.67
CA VAL A 199 -1.89 36.10 -21.97
C VAL A 199 -1.52 36.26 -20.51
N SER A 200 -2.38 36.92 -19.75
CA SER A 200 -2.10 37.10 -18.34
C SER A 200 -3.20 36.45 -17.54
N VAL A 201 -2.83 35.85 -16.42
CA VAL A 201 -3.80 35.20 -15.55
C VAL A 201 -3.62 35.80 -14.17
N GLY A 202 -4.67 36.45 -13.68
CA GLY A 202 -4.62 37.07 -12.37
C GLY A 202 -5.53 36.45 -11.34
N SER A 203 -5.06 36.45 -10.11
CA SER A 203 -5.77 35.90 -8.97
C SER A 203 -5.18 36.55 -7.74
N SER A 204 -5.81 36.41 -6.59
CA SER A 204 -5.26 37.02 -5.39
C SER A 204 -3.97 36.28 -5.05
N LYS A 205 -3.78 35.14 -5.70
CA LYS A 205 -2.62 34.29 -5.49
C LYS A 205 -2.06 33.79 -6.82
N TYR A 206 -1.90 34.69 -7.79
CA TYR A 206 -1.39 34.28 -9.11
C TYR A 206 -1.16 35.52 -9.96
N ASN A 207 -0.15 35.49 -10.84
CA ASN A 207 0.10 36.65 -11.68
C ASN A 207 0.99 36.36 -12.90
N ARG A 208 1.44 35.12 -13.02
CA ARG A 208 2.31 34.71 -14.13
C ARG A 208 1.76 35.18 -15.48
N ARG A 209 2.51 36.05 -16.17
CA ARG A 209 2.10 36.56 -17.49
C ARG A 209 2.81 35.82 -18.62
N PHE A 210 2.10 35.56 -19.71
CA PHE A 210 2.69 34.82 -20.81
C PHE A 210 2.76 35.55 -22.11
N THR A 211 3.70 35.10 -22.94
CA THR A 211 3.91 35.64 -24.28
C THR A 211 4.16 34.43 -25.15
N PRO A 212 3.82 34.51 -26.44
CA PRO A 212 4.03 33.37 -27.32
C PRO A 212 5.52 33.10 -27.52
N GLU A 213 5.93 31.85 -27.36
CA GLU A 213 7.33 31.48 -27.55
C GLU A 213 7.55 30.82 -28.90
N ILE A 214 7.50 31.63 -29.95
CA ILE A 214 7.70 31.17 -31.32
C ILE A 214 9.08 30.57 -31.45
N ALA A 215 9.18 29.47 -32.21
CA ALA A 215 10.45 28.79 -32.41
C ALA A 215 10.27 27.61 -33.36
N ALA A 216 11.19 27.47 -34.31
CA ALA A 216 11.13 26.37 -35.25
C ALA A 216 11.43 25.10 -34.46
N ARG A 217 10.46 24.21 -34.39
CA ARG A 217 10.61 22.96 -33.65
C ARG A 217 10.00 21.80 -34.43
N PRO A 218 10.44 20.56 -34.14
CA PRO A 218 9.92 19.38 -34.85
C PRO A 218 8.43 19.19 -34.68
N LYS A 219 7.81 18.55 -35.66
CA LYS A 219 6.38 18.30 -35.59
C LYS A 219 6.16 17.07 -34.74
N VAL A 220 5.20 17.15 -33.82
CA VAL A 220 4.85 16.01 -32.96
C VAL A 220 3.43 15.61 -33.31
N ARG A 221 3.23 14.31 -33.44
CA ARG A 221 1.95 13.75 -33.85
C ARG A 221 1.18 14.75 -34.72
N GLY A 222 1.87 15.24 -35.74
CA GLY A 222 1.29 16.17 -36.67
C GLY A 222 1.81 17.59 -36.59
N GLN A 223 1.24 18.36 -35.69
CA GLN A 223 1.59 19.76 -35.51
C GLN A 223 3.00 20.10 -35.01
N ALA A 224 3.52 21.21 -35.51
CA ALA A 224 4.83 21.70 -35.10
C ALA A 224 4.59 22.77 -34.03
N GLY A 225 3.33 23.15 -33.85
CA GLY A 225 3.00 24.12 -32.84
C GLY A 225 2.93 23.41 -31.51
N ARG A 226 2.85 24.17 -30.42
CA ARG A 226 2.79 23.60 -29.08
C ARG A 226 1.79 24.29 -28.18
N MET A 227 1.35 23.56 -27.16
CA MET A 227 0.42 24.11 -26.18
C MET A 227 0.83 23.72 -24.77
N ASN A 228 1.20 24.72 -23.96
CA ASN A 228 1.57 24.47 -22.57
C ASN A 228 0.29 24.54 -21.76
N TYR A 229 0.07 23.52 -20.94
CA TYR A 229 -1.13 23.48 -20.14
C TYR A 229 -0.82 23.91 -18.73
N TYR A 230 -1.65 24.80 -18.20
CA TYR A 230 -1.47 25.32 -16.85
C TYR A 230 -2.67 25.02 -16.00
N TRP A 231 -2.51 25.18 -14.69
CA TRP A 231 -3.61 24.96 -13.75
C TRP A 231 -3.37 25.74 -12.47
N THR A 232 -4.42 25.85 -11.67
CA THR A 232 -4.36 26.54 -10.39
C THR A 232 -5.59 26.19 -9.59
N LEU A 233 -5.46 26.21 -8.27
CA LEU A 233 -6.59 25.93 -7.39
C LEU A 233 -7.06 27.28 -6.88
N LEU A 234 -8.28 27.64 -7.28
CA LEU A 234 -8.88 28.90 -6.90
C LEU A 234 -9.61 28.77 -5.56
N ASP A 235 -9.13 29.50 -4.56
CA ASP A 235 -9.74 29.44 -3.24
C ASP A 235 -11.13 30.07 -3.21
N GLN A 236 -11.98 29.57 -2.31
CA GLN A 236 -13.33 30.10 -2.17
C GLN A 236 -13.28 31.63 -2.09
N GLY A 237 -14.24 32.28 -2.74
CA GLY A 237 -14.28 33.73 -2.71
C GLY A 237 -13.26 34.46 -3.54
N ASP A 238 -12.24 33.75 -4.03
CA ASP A 238 -11.24 34.43 -4.83
C ASP A 238 -11.69 34.53 -6.28
N THR A 239 -11.10 35.48 -7.00
CA THR A 239 -11.45 35.70 -8.39
C THR A 239 -10.25 35.52 -9.30
N ILE A 240 -10.42 34.75 -10.37
CA ILE A 240 -9.35 34.56 -11.33
C ILE A 240 -9.75 35.37 -12.56
N THR A 241 -8.84 36.21 -13.04
CA THR A 241 -9.09 37.06 -14.21
C THR A 241 -8.16 36.72 -15.37
N PHE A 242 -8.75 36.49 -16.55
CA PHE A 242 -7.99 36.19 -17.76
C PHE A 242 -8.16 37.36 -18.71
N GLU A 243 -7.07 37.75 -19.37
CA GLU A 243 -7.14 38.81 -20.38
C GLU A 243 -6.02 38.41 -21.33
N ALA A 244 -6.26 38.56 -22.62
CA ALA A 244 -5.26 38.16 -23.57
C ALA A 244 -5.48 38.77 -24.95
N THR A 245 -4.39 38.97 -25.68
CA THR A 245 -4.45 39.53 -27.02
C THR A 245 -4.08 38.47 -28.02
N GLY A 246 -4.12 37.21 -27.57
CA GLY A 246 -3.82 36.09 -28.44
C GLY A 246 -3.17 34.92 -27.73
N ASN A 247 -3.15 33.77 -28.38
CA ASN A 247 -2.52 32.57 -27.84
C ASN A 247 -3.17 31.91 -26.62
N LEU A 248 -4.32 32.44 -26.21
CA LEU A 248 -5.02 31.88 -25.06
C LEU A 248 -5.91 30.69 -25.42
N ILE A 249 -5.72 29.59 -24.69
CA ILE A 249 -6.54 28.40 -24.85
C ILE A 249 -7.35 28.47 -23.56
N ALA A 250 -8.43 29.24 -23.62
CA ALA A 250 -9.30 29.50 -22.49
C ALA A 250 -9.95 28.31 -21.78
N PRO A 251 -10.18 28.46 -20.48
CA PRO A 251 -10.80 27.40 -19.71
C PRO A 251 -12.25 27.40 -20.20
N TRP A 252 -12.82 26.23 -20.43
CA TRP A 252 -14.21 26.12 -20.86
C TRP A 252 -14.96 25.52 -19.66
N TYR A 253 -14.51 24.33 -19.26
CA TYR A 253 -15.07 23.63 -18.11
C TYR A 253 -14.01 23.52 -17.03
N ALA A 254 -14.38 23.80 -15.79
CA ALA A 254 -13.45 23.70 -14.68
C ALA A 254 -14.06 22.69 -13.72
N PHE A 255 -13.35 22.39 -12.63
CA PHE A 255 -13.87 21.43 -11.66
C PHE A 255 -13.94 22.02 -10.28
N ALA A 256 -15.05 21.78 -9.58
CA ALA A 256 -15.23 22.26 -8.22
C ALA A 256 -15.05 21.01 -7.37
N LEU A 257 -13.91 20.91 -6.70
CA LEU A 257 -13.62 19.72 -5.92
C LEU A 257 -13.46 19.92 -4.43
N ASN A 258 -13.30 18.81 -3.73
CA ASN A 258 -13.12 18.82 -2.28
C ASN A 258 -12.06 17.84 -1.82
N LYS A 259 -10.84 18.34 -1.67
CA LYS A 259 -9.72 17.51 -1.22
C LYS A 259 -9.70 17.52 0.31
N GLY A 260 -9.44 16.36 0.90
CA GLY A 260 -9.38 16.25 2.35
C GLY A 260 -7.99 15.76 2.71
N SER A 261 -7.70 14.53 2.30
CA SER A 261 -6.41 13.89 2.54
C SER A 261 -5.89 13.40 1.19
N ASP A 262 -4.57 13.26 1.07
CA ASP A 262 -4.00 12.81 -0.20
C ASP A 262 -3.57 11.34 -0.21
N SER A 263 -3.76 10.70 -1.37
CA SER A 263 -3.36 9.30 -1.57
C SER A 263 -2.42 9.24 -2.77
N GLY A 264 -2.74 8.42 -3.77
CA GLY A 264 -1.86 8.32 -4.92
C GLY A 264 -2.47 7.76 -6.19
N ILE A 265 -1.61 7.39 -7.13
CA ILE A 265 -2.03 6.82 -8.40
C ILE A 265 -1.42 5.45 -8.65
N ILE A 266 -2.29 4.45 -8.72
CA ILE A 266 -1.87 3.08 -8.97
C ILE A 266 -1.90 2.85 -10.48
N THR A 267 -0.85 2.25 -11.00
CA THR A 267 -0.81 1.94 -12.42
C THR A 267 -0.73 0.42 -12.53
N SER A 268 -1.81 -0.20 -12.99
CA SER A 268 -1.87 -1.65 -13.13
C SER A 268 -3.01 -2.10 -14.04
N ASP A 269 -2.87 -3.31 -14.60
CA ASP A 269 -3.90 -3.85 -15.49
C ASP A 269 -4.80 -4.88 -14.79
N ALA A 270 -4.69 -4.98 -13.47
CA ALA A 270 -5.53 -5.92 -12.73
C ALA A 270 -6.97 -5.42 -12.78
N PRO A 271 -7.94 -6.33 -12.83
CA PRO A 271 -9.36 -5.98 -12.89
C PRO A 271 -9.82 -5.22 -11.65
N VAL A 272 -10.78 -4.33 -11.84
CA VAL A 272 -11.32 -3.54 -10.74
C VAL A 272 -12.66 -4.11 -10.33
N HIS A 273 -12.66 -4.87 -9.23
CA HIS A 273 -13.88 -5.49 -8.72
C HIS A 273 -14.33 -4.78 -7.45
N ASN A 274 -15.57 -5.03 -7.01
CA ASN A 274 -16.08 -4.38 -5.80
C ASN A 274 -15.69 -5.11 -4.53
N CYS A 275 -14.55 -4.72 -3.97
CA CYS A 275 -14.03 -5.31 -2.74
C CYS A 275 -13.47 -4.16 -1.91
N ASP A 276 -13.28 -4.38 -0.61
CA ASP A 276 -12.75 -3.31 0.21
C ASP A 276 -11.33 -3.62 0.65
N THR A 277 -10.69 -2.67 1.34
CA THR A 277 -9.32 -2.86 1.81
C THR A 277 -8.72 -1.62 2.46
N LYS A 278 -7.70 -1.82 3.31
CA LYS A 278 -7.02 -0.73 3.97
C LYS A 278 -5.72 -0.45 3.23
N CYS A 279 -5.12 -1.51 2.69
CA CYS A 279 -3.88 -1.40 1.94
C CYS A 279 -4.01 -2.03 0.55
N GLN A 280 -3.74 -1.24 -0.48
CA GLN A 280 -3.85 -1.67 -1.88
C GLN A 280 -2.52 -1.57 -2.62
N THR A 281 -2.32 -2.46 -3.60
CA THR A 281 -1.09 -2.49 -4.39
C THR A 281 -1.42 -2.69 -5.87
N PRO A 282 -0.40 -2.58 -6.75
CA PRO A 282 -0.58 -2.75 -8.19
C PRO A 282 -0.99 -4.17 -8.61
N HIS A 283 -0.61 -5.16 -7.82
CA HIS A 283 -0.94 -6.54 -8.13
C HIS A 283 -2.28 -6.93 -7.52
N GLY A 284 -2.71 -6.20 -6.51
CA GLY A 284 -3.99 -6.49 -5.89
C GLY A 284 -4.06 -6.04 -4.45
N ALA A 285 -5.16 -6.34 -3.79
CA ALA A 285 -5.34 -5.98 -2.40
C ALA A 285 -4.43 -6.84 -1.51
N ILE A 286 -3.87 -6.23 -0.47
CA ILE A 286 -3.00 -6.92 0.46
C ILE A 286 -3.67 -6.83 1.82
N ASN A 287 -3.36 -7.78 2.70
CA ASN A 287 -3.94 -7.79 4.04
C ASN A 287 -3.13 -6.85 4.94
N SER A 288 -3.79 -6.20 5.88
CA SER A 288 -3.12 -5.28 6.79
C SER A 288 -2.96 -5.83 8.21
N THR A 289 -3.09 -7.14 8.35
CA THR A 289 -2.97 -7.78 9.67
C THR A 289 -1.53 -8.02 10.11
N LEU A 290 -0.70 -8.49 9.20
CA LEU A 290 0.69 -8.78 9.53
C LEU A 290 1.62 -7.58 9.46
N PRO A 291 2.70 -7.59 10.26
CA PRO A 291 3.67 -6.49 10.28
C PRO A 291 4.51 -6.36 9.01
N PHE A 292 4.53 -7.38 8.18
CA PHE A 292 5.34 -7.30 6.97
C PHE A 292 4.67 -7.80 5.70
N GLN A 293 5.10 -7.23 4.57
CA GLN A 293 4.58 -7.54 3.26
C GLN A 293 5.74 -7.62 2.26
N ASN A 294 5.63 -8.51 1.28
CA ASN A 294 6.68 -8.65 0.26
C ASN A 294 6.07 -8.73 -1.13
N VAL A 295 4.80 -8.32 -1.23
CA VAL A 295 4.07 -8.32 -2.48
C VAL A 295 4.47 -7.19 -3.43
N HIS A 296 4.72 -5.99 -2.89
CA HIS A 296 5.09 -4.84 -3.73
C HIS A 296 5.58 -3.62 -2.94
N PRO A 297 6.77 -3.10 -3.28
CA PRO A 297 7.35 -1.93 -2.60
C PRO A 297 6.43 -0.71 -2.63
N ILE A 298 5.64 -0.61 -3.69
CA ILE A 298 4.73 0.52 -3.87
C ILE A 298 3.30 0.21 -3.46
N THR A 299 2.85 0.84 -2.38
CA THR A 299 1.49 0.62 -1.90
C THR A 299 0.79 1.91 -1.48
N ILE A 300 -0.53 1.81 -1.26
CA ILE A 300 -1.31 2.96 -0.85
C ILE A 300 -2.29 2.56 0.25
N GLY A 301 -2.21 3.26 1.37
CA GLY A 301 -3.07 2.98 2.50
C GLY A 301 -2.26 2.77 3.76
N GLU A 302 -2.79 1.95 4.67
CA GLU A 302 -2.09 1.61 5.92
C GLU A 302 -1.56 0.21 5.62
N CYS A 303 -0.29 0.16 5.24
CA CYS A 303 0.33 -1.08 4.83
C CYS A 303 1.42 -1.67 5.72
N PRO A 304 1.67 -2.98 5.55
CA PRO A 304 2.69 -3.74 6.29
C PRO A 304 4.04 -3.43 5.66
N LYS A 305 4.99 -2.95 6.46
CA LYS A 305 6.31 -2.61 5.94
C LYS A 305 6.86 -3.57 4.86
N TYR A 306 7.18 -3.03 3.69
CA TYR A 306 7.69 -3.85 2.60
C TYR A 306 9.08 -4.41 2.91
N VAL A 307 9.24 -5.71 2.76
CA VAL A 307 10.54 -6.35 3.01
C VAL A 307 10.95 -7.27 1.87
N LYS A 308 12.26 -7.45 1.70
CA LYS A 308 12.79 -8.31 0.65
C LYS A 308 12.81 -9.77 1.13
N SER A 309 12.07 -10.06 2.18
CA SER A 309 12.02 -11.41 2.72
C SER A 309 11.09 -12.31 1.91
N THR A 310 11.32 -13.61 2.03
CA THR A 310 10.51 -14.60 1.34
C THR A 310 9.88 -15.47 2.41
N LYS A 311 10.49 -15.45 3.61
CA LYS A 311 10.02 -16.23 4.75
C LYS A 311 10.28 -15.58 6.11
N LEU A 312 9.20 -15.31 6.82
CA LEU A 312 9.27 -14.73 8.17
C LEU A 312 8.28 -15.52 9.02
N ARG A 313 8.61 -16.79 9.25
CA ARG A 313 7.75 -17.67 10.04
C ARG A 313 8.21 -17.69 11.49
N MET A 314 7.28 -17.45 12.39
CA MET A 314 7.59 -17.42 13.81
C MET A 314 7.07 -18.67 14.54
N ALA A 315 7.92 -19.26 15.38
CA ALA A 315 7.55 -20.44 16.12
C ALA A 315 6.58 -20.07 17.24
N THR A 316 5.68 -21.00 17.55
CA THR A 316 4.72 -20.80 18.63
C THR A 316 4.80 -22.07 19.47
N GLY A 317 4.86 -23.20 18.79
CA GLY A 317 4.97 -24.49 19.45
C GLY A 317 6.45 -24.79 19.67
N LEU A 318 6.76 -26.05 20.01
CA LEU A 318 8.14 -26.43 20.25
C LEU A 318 8.70 -27.29 19.15
N ARG A 319 9.97 -27.69 19.28
CA ARG A 319 10.61 -28.55 18.31
C ARG A 319 9.74 -29.76 18.10
N ASN A 320 9.62 -30.23 16.88
CA ASN A 320 8.80 -31.39 16.59
C ASN A 320 9.69 -32.61 16.43
N ILE A 321 9.58 -33.53 17.36
CA ILE A 321 10.38 -34.75 17.34
C ILE A 321 9.47 -35.93 17.64
N PRO A 322 8.81 -36.47 16.60
CA PRO A 322 7.91 -37.61 16.75
C PRO A 322 8.64 -38.94 16.78
N SER A 323 8.00 -39.96 16.21
CA SER A 323 8.51 -41.32 16.12
C SER A 323 8.22 -42.07 17.41
N ILE A 324 7.54 -43.21 17.27
CA ILE A 324 7.18 -44.04 18.41
C ILE A 324 8.11 -45.27 18.47
N GLY B 1 17.73 -27.94 24.88
CA GLY B 1 18.35 -26.75 24.22
C GLY B 1 19.21 -26.00 25.21
N LEU B 2 18.78 -24.79 25.57
CA LEU B 2 19.51 -24.00 26.53
C LEU B 2 19.33 -24.63 27.93
N PHE B 3 18.17 -25.25 28.15
CA PHE B 3 17.89 -25.86 29.43
C PHE B 3 17.97 -27.39 29.49
N GLY B 4 18.54 -28.01 28.46
CA GLY B 4 18.72 -29.45 28.45
C GLY B 4 17.57 -30.42 28.22
N ALA B 5 16.33 -30.03 28.48
CA ALA B 5 15.19 -30.94 28.31
C ALA B 5 14.89 -31.41 26.88
N MET B 6 14.38 -30.54 26.00
CA MET B 6 14.07 -30.95 24.64
C MET B 6 15.28 -31.40 23.87
N ALA B 7 15.12 -32.49 23.13
CA ALA B 7 16.22 -33.00 22.33
C ALA B 7 17.45 -33.00 23.21
N GLY B 8 17.23 -33.28 24.49
CA GLY B 8 18.32 -33.31 25.45
C GLY B 8 18.21 -34.58 26.27
N PHE B 9 17.95 -34.44 27.57
CA PHE B 9 17.83 -35.63 28.38
C PHE B 9 16.47 -36.27 28.22
N ILE B 10 15.59 -35.58 27.49
CA ILE B 10 14.27 -36.09 27.15
C ILE B 10 14.29 -35.90 25.65
N GLU B 11 15.00 -36.81 24.98
CA GLU B 11 15.22 -36.76 23.54
C GLU B 11 14.09 -36.85 22.54
N GLY B 12 12.88 -37.21 22.97
CA GLY B 12 11.82 -37.31 21.99
C GLY B 12 10.50 -36.66 22.34
N GLY B 13 9.67 -36.45 21.34
CA GLY B 13 8.38 -35.85 21.56
C GLY B 13 7.32 -36.92 21.65
N TRP B 14 6.22 -36.60 22.34
CA TRP B 14 5.14 -37.56 22.50
C TRP B 14 4.00 -37.32 21.54
N THR B 15 4.03 -38.07 20.46
CA THR B 15 2.99 -37.99 19.45
C THR B 15 1.66 -38.36 20.10
N GLY B 16 1.73 -39.14 21.17
CA GLY B 16 0.54 -39.58 21.87
C GLY B 16 -0.10 -38.57 22.80
N MET B 17 0.63 -37.53 23.19
CA MET B 17 0.04 -36.52 24.07
C MET B 17 -0.58 -35.48 23.16
N ILE B 18 -1.91 -35.51 23.08
CA ILE B 18 -2.60 -34.61 22.18
C ILE B 18 -3.50 -33.57 22.83
N ASP B 19 -3.28 -33.26 24.11
CA ASP B 19 -4.12 -32.27 24.76
C ASP B 19 -3.31 -31.18 25.46
N GLY B 20 -2.07 -31.00 25.03
CA GLY B 20 -1.22 -29.99 25.64
C GLY B 20 0.20 -30.03 25.12
N TRP B 21 1.03 -29.07 25.52
CA TRP B 21 2.42 -29.02 25.08
C TRP B 21 3.35 -29.80 25.99
N TYR B 22 3.12 -29.69 27.29
CA TYR B 22 3.96 -30.36 28.27
C TYR B 22 3.08 -31.23 29.14
N GLY B 23 3.56 -32.41 29.47
CA GLY B 23 2.74 -33.27 30.30
C GLY B 23 3.44 -34.51 30.80
N TYR B 24 2.64 -35.50 31.16
CA TYR B 24 3.17 -36.72 31.69
C TYR B 24 2.73 -37.93 30.91
N HIS B 25 3.23 -39.07 31.38
CA HIS B 25 2.90 -40.38 30.86
C HIS B 25 3.22 -41.31 32.00
N HIS B 26 2.17 -41.85 32.61
CA HIS B 26 2.37 -42.76 33.71
C HIS B 26 2.30 -44.17 33.21
N GLN B 27 2.69 -45.09 34.07
CA GLN B 27 2.69 -46.50 33.77
C GLN B 27 2.62 -47.27 35.09
N ASN B 28 1.46 -47.84 35.39
CA ASN B 28 1.31 -48.63 36.60
C ASN B 28 0.50 -49.90 36.32
N GLU B 29 0.28 -50.71 37.35
CA GLU B 29 -0.47 -51.95 37.21
C GLU B 29 -1.89 -51.79 36.69
N GLN B 30 -2.46 -50.59 36.77
CA GLN B 30 -3.82 -50.39 36.31
C GLN B 30 -3.94 -50.00 34.85
N GLY B 31 -2.92 -49.35 34.31
CA GLY B 31 -2.96 -48.94 32.93
C GLY B 31 -1.89 -47.92 32.63
N SER B 32 -2.03 -47.20 31.53
CA SER B 32 -1.04 -46.18 31.17
C SER B 32 -1.68 -45.13 30.26
N GLY B 33 -0.96 -44.06 29.99
CA GLY B 33 -1.51 -43.03 29.14
C GLY B 33 -0.83 -41.70 29.35
N TYR B 34 -1.18 -40.73 28.50
CA TYR B 34 -0.63 -39.39 28.61
C TYR B 34 -1.63 -38.44 29.22
N ALA B 35 -1.12 -37.36 29.78
CA ALA B 35 -1.94 -36.32 30.41
C ALA B 35 -1.13 -35.05 30.33
N ALA B 36 -1.69 -34.03 29.69
CA ALA B 36 -0.99 -32.77 29.55
C ALA B 36 -1.07 -32.02 30.85
N ASP B 37 0.03 -31.40 31.26
CA ASP B 37 -0.01 -30.60 32.47
C ASP B 37 -0.73 -29.34 32.02
N GLN B 38 -1.98 -29.19 32.46
CA GLN B 38 -2.76 -28.04 32.04
C GLN B 38 -2.28 -26.64 32.42
N LYS B 39 -1.83 -26.46 33.66
CA LYS B 39 -1.36 -25.15 34.10
C LYS B 39 -0.15 -24.62 33.32
N SER B 40 0.89 -25.43 33.20
CA SER B 40 2.08 -24.98 32.49
C SER B 40 1.81 -24.83 31.00
N THR B 41 0.81 -25.55 30.50
CA THR B 41 0.49 -25.46 29.08
C THR B 41 -0.24 -24.17 28.78
N GLN B 42 -1.31 -23.91 29.54
CA GLN B 42 -2.10 -22.70 29.37
C GLN B 42 -1.21 -21.49 29.49
N ASN B 43 -0.46 -21.42 30.57
CA ASN B 43 0.44 -20.32 30.81
C ASN B 43 1.38 -20.13 29.63
N ALA B 44 1.86 -21.23 29.06
CA ALA B 44 2.75 -21.16 27.92
C ALA B 44 2.02 -20.62 26.71
N ILE B 45 0.76 -21.00 26.56
CA ILE B 45 -0.03 -20.52 25.42
C ILE B 45 -0.28 -19.02 25.60
N ASP B 46 -0.75 -18.64 26.78
CA ASP B 46 -1.02 -17.23 27.05
C ASP B 46 0.20 -16.40 26.69
N GLY B 47 1.37 -16.79 27.20
CA GLY B 47 2.59 -16.07 26.93
C GLY B 47 2.93 -15.96 25.45
N ILE B 48 3.00 -17.10 24.75
CA ILE B 48 3.29 -17.08 23.32
C ILE B 48 2.25 -16.24 22.59
N THR B 49 0.98 -16.43 22.94
CA THR B 49 -0.09 -15.66 22.31
C THR B 49 0.20 -14.18 22.50
N ASN B 50 0.56 -13.81 23.72
CA ASN B 50 0.87 -12.43 24.02
C ASN B 50 2.11 -11.98 23.24
N LYS B 51 3.10 -12.86 23.12
CA LYS B 51 4.31 -12.50 22.39
C LYS B 51 3.98 -12.23 20.91
N VAL B 52 3.13 -13.06 20.31
CA VAL B 52 2.77 -12.88 18.92
C VAL B 52 2.00 -11.59 18.71
N ASN B 53 1.08 -11.28 19.63
CA ASN B 53 0.31 -10.05 19.50
C ASN B 53 1.28 -8.87 19.53
N SER B 54 2.14 -8.83 20.55
CA SER B 54 3.12 -7.76 20.67
C SER B 54 3.80 -7.45 19.35
N ILE B 55 4.45 -8.46 18.78
CA ILE B 55 5.17 -8.33 17.51
C ILE B 55 4.28 -7.77 16.40
N ILE B 56 2.98 -8.00 16.51
CA ILE B 56 2.04 -7.51 15.52
C ILE B 56 1.46 -6.18 15.97
N GLU B 57 0.78 -6.17 17.10
CA GLU B 57 0.16 -4.96 17.63
C GLU B 57 1.12 -3.76 17.69
N LYS B 58 2.39 -4.01 17.94
CA LYS B 58 3.36 -2.92 18.06
C LYS B 58 3.79 -2.27 16.75
N MET B 59 3.24 -2.74 15.64
CA MET B 59 3.59 -2.17 14.34
C MET B 59 2.63 -1.03 13.98
N ASN B 60 3.11 0.20 14.15
CA ASN B 60 2.31 1.38 13.82
C ASN B 60 2.44 1.68 12.34
N THR B 61 1.35 2.14 11.73
CA THR B 61 1.35 2.49 10.31
C THR B 61 0.27 3.52 10.02
N GLN B 62 0.63 4.53 9.24
CA GLN B 62 -0.33 5.57 8.88
C GLN B 62 -0.65 5.43 7.41
N PHE B 63 -1.74 6.04 6.98
CA PHE B 63 -2.12 5.99 5.57
C PHE B 63 -0.95 6.58 4.80
N THR B 64 -0.55 5.92 3.73
CA THR B 64 0.57 6.41 2.95
C THR B 64 0.57 5.90 1.53
N ALA B 65 1.14 6.71 0.63
CA ALA B 65 1.28 6.37 -0.77
C ALA B 65 2.78 6.49 -1.00
N VAL B 66 3.45 5.35 -1.20
CA VAL B 66 4.89 5.33 -1.38
C VAL B 66 5.36 5.97 -2.70
N GLY B 67 4.66 5.66 -3.79
CA GLY B 67 5.02 6.20 -5.10
C GLY B 67 5.16 7.71 -5.20
N LYS B 68 5.95 8.20 -6.16
CA LYS B 68 6.13 9.64 -6.28
C LYS B 68 5.99 10.39 -7.61
N GLU B 69 6.65 9.93 -8.67
CA GLU B 69 6.57 10.63 -9.96
C GLU B 69 7.35 11.95 -10.01
N PHE B 70 8.53 11.92 -10.63
CA PHE B 70 9.40 13.08 -10.78
C PHE B 70 9.80 13.19 -12.25
N ASN B 71 9.83 14.40 -12.82
CA ASN B 71 10.20 14.51 -14.23
C ASN B 71 11.72 14.40 -14.46
N ASN B 72 12.11 14.30 -15.73
CA ASN B 72 13.51 14.14 -16.13
C ASN B 72 14.51 15.18 -15.62
N LEU B 73 14.04 16.21 -14.93
CA LEU B 73 14.95 17.20 -14.40
C LEU B 73 14.86 17.21 -12.88
N GLU B 74 14.44 16.07 -12.33
CA GLU B 74 14.30 15.89 -10.90
C GLU B 74 14.90 14.54 -10.49
N ARG B 75 15.99 14.19 -11.15
CA ARG B 75 16.71 12.96 -10.87
C ARG B 75 17.25 13.00 -9.44
N ARG B 76 17.81 14.13 -9.04
CA ARG B 76 18.36 14.28 -7.69
C ARG B 76 17.36 13.88 -6.61
N ILE B 77 16.16 14.48 -6.61
CA ILE B 77 15.20 14.13 -5.57
C ILE B 77 14.53 12.80 -5.83
N GLU B 78 14.47 12.37 -7.09
CA GLU B 78 13.88 11.06 -7.38
C GLU B 78 14.80 10.02 -6.72
N ASN B 79 16.10 10.28 -6.78
CA ASN B 79 17.07 9.39 -6.18
C ASN B 79 17.01 9.54 -4.66
N LEU B 80 16.73 10.75 -4.18
CA LEU B 80 16.64 10.99 -2.74
C LEU B 80 15.47 10.14 -2.24
N ASN B 81 14.37 10.18 -2.99
CA ASN B 81 13.18 9.42 -2.66
C ASN B 81 13.51 7.92 -2.72
N LYS B 82 14.39 7.56 -3.65
CA LYS B 82 14.81 6.18 -3.81
C LYS B 82 15.60 5.75 -2.57
N LYS B 83 16.51 6.60 -2.15
CA LYS B 83 17.33 6.33 -0.97
C LYS B 83 16.44 6.08 0.25
N VAL B 84 15.36 6.85 0.33
CA VAL B 84 14.42 6.71 1.44
C VAL B 84 13.70 5.38 1.38
N ASP B 85 13.13 5.06 0.22
CA ASP B 85 12.42 3.80 0.06
C ASP B 85 13.35 2.60 0.24
N ASP B 86 14.47 2.57 -0.47
CA ASP B 86 15.41 1.47 -0.30
C ASP B 86 15.80 1.46 1.16
N GLY B 87 16.11 2.65 1.66
CA GLY B 87 16.54 2.85 3.04
C GLY B 87 15.71 2.21 4.13
N PHE B 88 14.42 2.53 4.17
CA PHE B 88 13.56 1.96 5.19
C PHE B 88 13.37 0.48 4.99
N LEU B 89 13.25 0.10 3.73
CA LEU B 89 13.03 -1.29 3.37
C LEU B 89 14.26 -2.15 3.58
N ASP B 90 15.37 -1.52 3.94
CA ASP B 90 16.61 -2.23 4.20
C ASP B 90 16.67 -2.41 5.72
N VAL B 91 15.96 -1.52 6.41
CA VAL B 91 15.86 -1.52 7.85
C VAL B 91 14.84 -2.57 8.29
N TRP B 92 13.66 -2.54 7.70
CA TRP B 92 12.61 -3.50 8.05
C TRP B 92 12.96 -4.93 7.63
N THR B 93 13.80 -5.05 6.61
CA THR B 93 14.21 -6.37 6.14
C THR B 93 15.22 -7.01 7.09
N TYR B 94 16.12 -6.19 7.64
CA TYR B 94 17.13 -6.69 8.57
C TYR B 94 16.51 -6.92 9.94
N ASN B 95 15.53 -6.10 10.27
CA ASN B 95 14.85 -6.21 11.56
C ASN B 95 13.90 -7.39 11.62
N ALA B 96 13.03 -7.50 10.63
CA ALA B 96 12.09 -8.61 10.60
C ALA B 96 12.91 -9.88 10.64
N GLU B 97 13.82 -10.00 9.69
CA GLU B 97 14.69 -11.15 9.58
C GLU B 97 15.31 -11.57 10.92
N LEU B 98 15.97 -10.63 11.60
CA LEU B 98 16.60 -10.92 12.89
C LEU B 98 15.61 -11.07 14.03
N LEU B 99 14.57 -10.24 14.06
CA LEU B 99 13.58 -10.32 15.12
C LEU B 99 13.03 -11.74 15.20
N VAL B 100 12.77 -12.33 14.04
CA VAL B 100 12.27 -13.69 14.01
C VAL B 100 13.33 -14.65 14.49
N LEU B 101 14.52 -14.58 13.91
CA LEU B 101 15.59 -15.47 14.32
C LEU B 101 15.78 -15.47 15.84
N LEU B 102 15.98 -14.30 16.42
CA LEU B 102 16.18 -14.17 17.85
C LEU B 102 14.96 -14.61 18.67
N GLU B 103 13.76 -14.17 18.27
CA GLU B 103 12.55 -14.55 18.98
C GLU B 103 12.22 -16.04 18.86
N ASN B 104 12.62 -16.64 17.73
CA ASN B 104 12.38 -18.05 17.54
C ASN B 104 13.27 -18.82 18.52
N GLU B 105 14.49 -18.31 18.72
CA GLU B 105 15.44 -18.93 19.63
C GLU B 105 14.80 -18.88 21.02
N ARG B 106 14.37 -17.67 21.41
CA ARG B 106 13.74 -17.43 22.69
C ARG B 106 12.55 -18.34 22.93
N THR B 107 11.67 -18.47 21.93
CA THR B 107 10.49 -19.30 22.08
C THR B 107 10.84 -20.76 22.34
N LEU B 108 11.70 -21.32 21.51
CA LEU B 108 12.10 -22.72 21.70
C LEU B 108 12.72 -22.92 23.08
N ASP B 109 13.58 -21.98 23.50
CA ASP B 109 14.22 -22.06 24.82
C ASP B 109 13.16 -22.04 25.91
N PHE B 110 12.17 -21.18 25.72
CA PHE B 110 11.06 -21.03 26.67
C PHE B 110 10.38 -22.37 26.86
N HIS B 111 10.09 -23.08 25.77
CA HIS B 111 9.44 -24.38 25.87
C HIS B 111 10.35 -25.35 26.63
N ASP B 112 11.61 -25.39 26.21
CA ASP B 112 12.61 -26.25 26.83
C ASP B 112 12.68 -25.97 28.33
N SER B 113 12.66 -24.70 28.69
CA SER B 113 12.70 -24.27 30.07
C SER B 113 11.46 -24.76 30.83
N ASN B 114 10.30 -24.70 30.17
CA ASN B 114 9.07 -25.13 30.82
C ASN B 114 9.08 -26.61 31.12
N VAL B 115 9.69 -27.38 30.21
CA VAL B 115 9.79 -28.82 30.41
C VAL B 115 10.71 -29.09 31.60
N ARG B 116 11.91 -28.52 31.57
CA ARG B 116 12.85 -28.71 32.68
C ARG B 116 12.22 -28.33 34.02
N ASN B 117 11.44 -27.26 34.05
CA ASN B 117 10.82 -26.84 35.29
C ASN B 117 9.79 -27.87 35.75
N LEU B 118 9.04 -28.40 34.79
CA LEU B 118 8.03 -29.40 35.11
C LEU B 118 8.73 -30.63 35.65
N TYR B 119 9.66 -31.16 34.86
CA TYR B 119 10.45 -32.32 35.26
C TYR B 119 10.97 -32.13 36.67
N GLU B 120 11.50 -30.94 36.93
CA GLU B 120 12.06 -30.61 38.24
C GLU B 120 11.00 -30.48 39.31
N LYS B 121 9.84 -29.97 38.95
CA LYS B 121 8.76 -29.84 39.94
C LYS B 121 8.46 -31.22 40.50
N VAL B 122 8.45 -32.22 39.63
CA VAL B 122 8.18 -33.59 40.00
C VAL B 122 9.36 -34.20 40.74
N LYS B 123 10.55 -34.07 40.15
CA LYS B 123 11.78 -34.62 40.74
C LYS B 123 11.93 -34.15 42.17
N SER B 124 11.26 -33.05 42.47
CA SER B 124 11.30 -32.47 43.80
C SER B 124 10.41 -33.25 44.74
N GLN B 125 9.17 -33.48 44.34
CA GLN B 125 8.22 -34.23 45.17
C GLN B 125 8.63 -35.68 45.47
N LEU B 126 9.00 -36.42 44.43
CA LEU B 126 9.37 -37.82 44.60
C LEU B 126 10.62 -38.01 45.47
N ARG B 127 11.63 -37.17 45.26
CA ARG B 127 12.85 -37.28 46.07
C ARG B 127 13.45 -38.68 45.95
N ASN B 128 13.51 -39.38 47.08
CA ASN B 128 14.07 -40.72 47.14
C ASN B 128 13.05 -41.82 46.84
N ASN B 129 11.77 -41.45 46.83
CA ASN B 129 10.71 -42.42 46.55
C ASN B 129 10.66 -42.83 45.09
N ALA B 130 11.73 -42.56 44.36
CA ALA B 130 11.80 -42.92 42.97
C ALA B 130 13.22 -42.73 42.46
N LYS B 131 13.60 -43.52 41.49
CA LYS B 131 14.92 -43.43 40.90
C LYS B 131 14.80 -42.73 39.54
N GLU B 132 15.75 -41.86 39.24
CA GLU B 132 15.74 -41.14 37.99
C GLU B 132 16.44 -41.90 36.87
N ILE B 133 15.71 -42.15 35.80
CA ILE B 133 16.24 -42.83 34.63
C ILE B 133 16.41 -41.70 33.61
N GLY B 134 17.63 -41.22 33.43
CA GLY B 134 17.92 -40.11 32.52
C GLY B 134 17.23 -39.97 31.16
N ASN B 135 15.93 -40.26 31.09
CA ASN B 135 15.17 -40.15 29.85
C ASN B 135 13.93 -39.33 30.15
N GLY B 136 13.92 -38.71 31.33
CA GLY B 136 12.80 -37.89 31.75
C GLY B 136 11.78 -38.70 32.51
N CYS B 137 12.16 -39.88 32.96
CA CYS B 137 11.22 -40.71 33.70
C CYS B 137 11.63 -40.97 35.14
N PHE B 138 10.64 -41.36 35.95
CA PHE B 138 10.88 -41.67 37.34
C PHE B 138 10.21 -43.01 37.64
N GLU B 139 10.96 -43.95 38.21
CA GLU B 139 10.38 -45.24 38.56
C GLU B 139 10.21 -45.27 40.07
N PHE B 140 8.96 -45.32 40.53
CA PHE B 140 8.70 -45.33 41.95
C PHE B 140 9.25 -46.53 42.70
N TYR B 141 9.72 -46.28 43.92
CA TYR B 141 10.24 -47.33 44.77
C TYR B 141 9.04 -47.92 45.51
N HIS B 142 7.85 -47.62 45.03
CA HIS B 142 6.63 -48.14 45.62
C HIS B 142 5.50 -48.21 44.61
N LYS B 143 4.32 -48.63 45.05
CA LYS B 143 3.19 -48.70 44.14
C LYS B 143 2.57 -47.33 44.05
N CYS B 144 2.13 -46.98 42.85
CA CYS B 144 1.53 -45.68 42.62
C CYS B 144 0.30 -45.85 41.72
N ASP B 145 -0.84 -46.11 42.35
CA ASP B 145 -2.08 -46.30 41.62
C ASP B 145 -2.49 -44.98 40.99
N ASP B 146 -3.67 -44.94 40.39
CA ASP B 146 -4.10 -43.72 39.72
C ASP B 146 -4.29 -42.53 40.64
N GLU B 147 -4.63 -42.77 41.91
CA GLU B 147 -4.79 -41.64 42.84
C GLU B 147 -3.39 -41.08 42.96
N CYS B 148 -2.45 -41.94 43.35
CA CYS B 148 -1.06 -41.56 43.52
C CYS B 148 -0.53 -40.84 42.29
N MET B 149 -0.71 -41.42 41.11
CA MET B 149 -0.25 -40.81 39.85
C MET B 149 -0.86 -39.42 39.75
N GLU B 150 -2.11 -39.32 40.15
CA GLU B 150 -2.82 -38.06 40.11
C GLU B 150 -2.16 -37.03 41.01
N SER B 151 -1.98 -37.39 42.28
CA SER B 151 -1.40 -36.50 43.27
C SER B 151 -0.13 -35.82 42.76
N VAL B 152 0.77 -36.59 42.15
CA VAL B 152 2.00 -36.00 41.63
C VAL B 152 1.71 -35.09 40.44
N LYS B 153 0.72 -35.46 39.63
CA LYS B 153 0.35 -34.63 38.49
C LYS B 153 -0.09 -33.27 39.06
N ASN B 154 -1.08 -33.24 39.95
CA ASN B 154 -1.51 -31.96 40.51
C ASN B 154 -0.69 -31.55 41.74
N GLY B 155 0.61 -31.86 41.70
CA GLY B 155 1.53 -31.52 42.78
C GLY B 155 1.07 -31.60 44.23
N THR B 156 0.61 -32.78 44.66
CA THR B 156 0.15 -32.97 46.03
C THR B 156 0.54 -34.35 46.52
N TYR B 157 1.67 -34.83 46.00
CA TYR B 157 2.23 -36.15 46.31
C TYR B 157 2.61 -36.22 47.79
N ASP B 158 2.06 -37.22 48.47
CA ASP B 158 2.28 -37.43 49.90
C ASP B 158 3.70 -37.76 50.35
N TYR B 159 3.85 -37.96 51.66
CA TYR B 159 5.12 -38.26 52.33
C TYR B 159 6.20 -38.81 51.41
N PRO B 160 7.27 -38.03 51.19
CA PRO B 160 8.36 -38.50 50.32
C PRO B 160 9.73 -38.57 51.02
#